data_2XZU
#
_entry.id   2XZU
#
_cell.length_a   91.739
_cell.length_b   91.739
_cell.length_c   143.236
_cell.angle_alpha   90.00
_cell.angle_beta   90.00
_cell.angle_gamma   90.00
#
_symmetry.space_group_name_H-M   'P 41 21 2'
#
loop_
_entity.id
_entity.type
_entity.pdbx_description
1 polymer 'FORMAMIDOPYRIMIDINE-DNA GLYCOSYLASE'
2 polymer "5'-D(*CP*TP*CP*TP*TP*TP*VETP*TP*TP*TP*CP*TP*CP*G)-3'"
3 polymer "5'-D(GP*CP*GP*AP*GP*AP*AP*AP*CP*AP*AP*AP*G*A)-3'"
4 non-polymer 'ZINC ION'
5 non-polymer GLYCEROL
6 water water
#
loop_
_entity_poly.entity_id
_entity_poly.type
_entity_poly.pdbx_seq_one_letter_code
_entity_poly.pdbx_strand_id
1 'polypeptide(L)'
;PELPEVETVRRELEKRIVGQKIISIEATYPRMVLTGFEQLKKELTGKTIQGISRRGKYLIFEIGDDFRLISHLRMEGKYR
LATLDAPREKHDHLTMKFADGQLIYADVRKFGTWELISTDQVLPYFLKKKIGPEPTYEDFDEKLFREKLRKSTKKIKPYL
LEQTLVAGLGNIYVDEVLWLAKIHPEKETNQLIESSIHLLHDSIIEILQKAIKLGGSSIRTYSALGSTGKMQNELQVYGK
TGEKCSRCGAEIQKIKVAGRGTHFCPVCQQK
;
A
2 'polydeoxyribonucleotide' (DC)(DT)(DC)(DT)(DT)(DT)(VET)(DT)(DT)(DT)(DC)(DT)(DC)(DG) B
3 'polydeoxyribonucleotide' (DG)(DC)(DG)(DA)(DG)(DA)(DA)(DA)(DC)(DA)(DA)(DA)(DG)(DA) C
#
loop_
_chem_comp.id
_chem_comp.type
_chem_comp.name
_chem_comp.formula
DA DNA linking 2'-DEOXYADENOSINE-5'-MONOPHOSPHATE 'C10 H14 N5 O6 P'
DC DNA linking 2'-DEOXYCYTIDINE-5'-MONOPHOSPHATE 'C9 H14 N3 O7 P'
DG DNA linking 2'-DEOXYGUANOSINE-5'-MONOPHOSPHATE 'C10 H14 N5 O7 P'
DT DNA linking THYMIDINE-5'-MONOPHOSPHATE 'C10 H15 N2 O8 P'
GOL non-polymer GLYCEROL 'C3 H8 O3'
VET DNA linking '[(1R,2S,4R)-2-HYDROXY-4-[(5R)-5-HYDROXY-5-METHYL-2,4-DIOXO-IMIDAZOLIDIN-1-YL]CYCLOPENTYL]METHYL DIHYDROGEN PHOSPHATE' 'C10 H17 N2 O8 P'
ZN non-polymer 'ZINC ION' 'Zn 2'
#
# COMPACT_ATOMS: atom_id res chain seq x y z
N PRO A 1 -4.91 3.61 0.44
CA PRO A 1 -4.14 2.77 -0.49
C PRO A 1 -3.27 1.79 0.33
N GLU A 2 -3.59 0.54 0.14
CA GLU A 2 -2.71 -0.54 0.64
C GLU A 2 -2.01 -1.14 -0.58
N LEU A 3 -1.31 -2.25 -0.40
CA LEU A 3 -0.48 -2.71 -1.51
C LEU A 3 -1.28 -2.92 -2.84
N PRO A 4 -2.51 -3.50 -2.81
CA PRO A 4 -3.18 -3.70 -4.11
C PRO A 4 -3.48 -2.39 -4.80
N GLU A 5 -3.87 -1.36 -4.03
CA GLU A 5 -4.16 -0.08 -4.66
C GLU A 5 -2.89 0.57 -5.21
N VAL A 6 -1.80 0.48 -4.43
CA VAL A 6 -0.52 1.06 -4.88
C VAL A 6 -0.06 0.31 -6.16
N GLU A 7 -0.24 -1.01 -6.17
CA GLU A 7 0.16 -1.75 -7.38
C GLU A 7 -0.70 -1.35 -8.60
N THR A 8 -1.99 -1.09 -8.36
CA THR A 8 -2.89 -0.67 -9.45
C THR A 8 -2.40 0.67 -10.03
N VAL A 9 -2.09 1.60 -9.14
CA VAL A 9 -1.53 2.91 -9.60
C VAL A 9 -0.21 2.68 -10.32
N ARG A 10 0.63 1.78 -9.78
CA ARG A 10 1.88 1.50 -10.47
C ARG A 10 1.67 1.04 -11.90
N ARG A 11 0.71 0.14 -12.09
CA ARG A 11 0.54 -0.44 -13.42
C ARG A 11 0.02 0.59 -14.40
N GLU A 12 -0.87 1.44 -13.91
CA GLU A 12 -1.48 2.48 -14.74
CA GLU A 12 -1.45 2.42 -14.81
C GLU A 12 -0.41 3.48 -15.17
N LEU A 13 0.38 3.93 -14.20
CA LEU A 13 1.50 4.82 -14.51
C LEU A 13 2.50 4.17 -15.50
N GLU A 14 2.81 2.89 -15.28
CA GLU A 14 3.76 2.23 -16.17
C GLU A 14 3.27 2.33 -17.63
N LYS A 15 1.99 2.09 -17.81
CA LYS A 15 1.37 2.08 -19.12
C LYS A 15 1.36 3.48 -19.74
N ARG A 16 1.19 4.51 -18.92
CA ARG A 16 0.95 5.83 -19.47
C ARG A 16 2.13 6.80 -19.50
N ILE A 17 3.03 6.74 -18.50
CA ILE A 17 4.07 7.78 -18.45
C ILE A 17 5.50 7.29 -18.73
N VAL A 18 5.69 5.99 -18.87
CA VAL A 18 7.05 5.54 -19.25
C VAL A 18 7.41 6.10 -20.62
N GLY A 19 8.63 6.63 -20.75
CA GLY A 19 9.01 7.26 -21.99
C GLY A 19 8.81 8.77 -22.01
N GLN A 20 8.14 9.34 -21.01
CA GLN A 20 7.81 10.79 -21.06
C GLN A 20 8.93 11.61 -20.47
N LYS A 21 9.29 12.70 -21.15
CA LYS A 21 10.30 13.58 -20.62
C LYS A 21 9.62 14.58 -19.70
N ILE A 22 10.16 14.79 -18.52
CA ILE A 22 9.57 15.73 -17.60
C ILE A 22 9.96 17.15 -18.03
N ILE A 23 8.99 18.00 -18.41
CA ILE A 23 9.35 19.34 -18.89
C ILE A 23 9.54 20.31 -17.76
N SER A 24 8.67 20.22 -16.75
CA SER A 24 8.86 21.06 -15.59
C SER A 24 8.21 20.34 -14.41
N ILE A 25 8.56 20.81 -13.22
CA ILE A 25 7.94 20.31 -11.97
C ILE A 25 7.59 21.52 -11.11
N GLU A 26 6.39 21.55 -10.53
CA GLU A 26 5.96 22.72 -9.72
C GLU A 26 5.36 22.18 -8.42
N ALA A 27 5.42 22.97 -7.36
CA ALA A 27 4.88 22.51 -6.08
C ALA A 27 4.10 23.66 -5.49
N THR A 28 2.93 23.37 -4.91
CA THR A 28 2.34 24.36 -4.00
C THR A 28 2.53 23.91 -2.58
N TYR A 29 2.94 22.66 -2.42
CA TYR A 29 3.30 22.20 -1.09
C TYR A 29 4.70 21.54 -1.06
N PRO A 30 5.75 22.34 -1.20
CA PRO A 30 7.06 21.72 -1.42
C PRO A 30 7.59 20.97 -0.19
N ARG A 31 7.08 21.24 1.00
CA ARG A 31 7.56 20.56 2.20
CA ARG A 31 7.61 20.58 2.17
C ARG A 31 7.30 19.07 2.24
N MET A 32 6.44 18.55 1.35
CA MET A 32 6.27 17.06 1.33
C MET A 32 7.39 16.33 0.58
N VAL A 33 8.30 17.07 -0.05
CA VAL A 33 9.49 16.47 -0.63
C VAL A 33 10.61 16.45 0.44
N LEU A 34 10.79 15.32 1.09
CA LEU A 34 11.60 15.22 2.30
C LEU A 34 13.07 15.41 1.95
N THR A 35 13.46 15.19 0.70
CA THR A 35 14.83 15.42 0.31
C THR A 35 15.08 16.85 -0.24
N GLY A 36 14.04 17.67 -0.36
CA GLY A 36 14.20 19.06 -0.74
C GLY A 36 13.60 19.27 -2.12
N PHE A 37 12.60 20.15 -2.19
CA PHE A 37 11.87 20.30 -3.43
C PHE A 37 12.74 20.95 -4.51
N GLU A 38 13.45 22.02 -4.16
CA GLU A 38 14.19 22.71 -5.21
C GLU A 38 15.28 21.80 -5.76
N GLN A 39 15.87 20.97 -4.89
CA GLN A 39 16.87 20.03 -5.33
C GLN A 39 16.27 19.01 -6.32
N LEU A 40 15.08 18.49 -5.98
CA LEU A 40 14.40 17.55 -6.84
C LEU A 40 14.08 18.20 -8.19
N LYS A 41 13.60 19.43 -8.15
CA LYS A 41 13.22 20.14 -9.40
C LYS A 41 14.49 20.26 -10.28
N LYS A 42 15.56 20.70 -9.67
CA LYS A 42 16.79 20.91 -10.44
C LYS A 42 17.27 19.54 -10.99
N GLU A 43 17.22 18.47 -10.19
CA GLU A 43 17.77 17.19 -10.67
C GLU A 43 16.90 16.54 -11.74
N LEU A 44 15.57 16.64 -11.61
CA LEU A 44 14.71 15.81 -12.45
C LEU A 44 14.15 16.53 -13.69
N THR A 45 14.19 17.86 -13.71
CA THR A 45 13.69 18.56 -14.88
C THR A 45 14.49 18.14 -16.12
N GLY A 46 13.81 17.77 -17.20
CA GLY A 46 14.47 17.37 -18.43
C GLY A 46 14.75 15.86 -18.54
N LYS A 47 14.51 15.11 -17.45
CA LYS A 47 14.85 13.70 -17.46
C LYS A 47 13.61 12.91 -17.93
N THR A 48 13.86 11.69 -18.37
CA THR A 48 12.77 10.82 -18.86
C THR A 48 12.40 9.74 -17.86
N ILE A 49 11.11 9.52 -17.64
CA ILE A 49 10.66 8.43 -16.79
C ILE A 49 10.90 7.09 -17.52
N GLN A 50 11.67 6.19 -16.90
CA GLN A 50 12.09 4.93 -17.53
C GLN A 50 11.23 3.76 -17.02
N GLY A 51 10.67 3.91 -15.83
CA GLY A 51 9.94 2.79 -15.26
C GLY A 51 9.22 3.19 -13.96
N ILE A 52 8.32 2.33 -13.50
CA ILE A 52 7.73 2.54 -12.18
C ILE A 52 7.71 1.17 -11.43
N SER A 53 8.31 1.12 -10.24
CA SER A 53 8.32 -0.14 -9.44
C SER A 53 7.57 0.09 -8.16
N ARG A 54 7.56 -0.93 -7.31
CA ARG A 54 6.85 -0.81 -6.03
C ARG A 54 7.52 -1.72 -5.04
N ARG A 55 7.54 -1.33 -3.77
CA ARG A 55 8.03 -2.19 -2.70
C ARG A 55 7.05 -1.97 -1.57
N GLY A 56 6.40 -3.03 -1.10
CA GLY A 56 5.32 -2.79 -0.18
C GLY A 56 4.30 -1.75 -0.63
N LYS A 57 3.99 -0.78 0.25
CA LYS A 57 3.05 0.29 -0.16
C LYS A 57 3.77 1.49 -0.82
N TYR A 58 5.07 1.36 -1.10
CA TYR A 58 5.80 2.48 -1.67
C TYR A 58 5.86 2.39 -3.18
N LEU A 59 5.61 3.52 -3.85
CA LEU A 59 5.88 3.61 -5.30
C LEU A 59 7.26 4.11 -5.57
N ILE A 60 7.90 3.62 -6.64
CA ILE A 60 9.28 4.01 -6.96
C ILE A 60 9.29 4.44 -8.46
N PHE A 61 9.44 5.74 -8.72
CA PHE A 61 9.62 6.16 -10.12
C PHE A 61 11.08 6.03 -10.50
N GLU A 62 11.37 5.46 -11.66
CA GLU A 62 12.74 5.26 -12.12
C GLU A 62 12.90 6.30 -13.16
N ILE A 63 13.76 7.28 -12.90
CA ILE A 63 13.84 8.47 -13.76
C ILE A 63 15.30 8.72 -14.17
N GLY A 64 15.56 8.87 -15.44
CA GLY A 64 16.92 9.23 -15.86
C GLY A 64 17.74 7.99 -15.71
N ASP A 65 19.05 8.07 -15.67
CA ASP A 65 19.78 6.81 -15.56
C ASP A 65 19.75 6.22 -14.19
N ASP A 66 19.77 7.09 -13.18
CA ASP A 66 20.13 6.67 -11.84
C ASP A 66 19.36 7.34 -10.69
N PHE A 67 18.23 7.97 -10.99
CA PHE A 67 17.41 8.54 -9.95
C PHE A 67 16.23 7.63 -9.63
N ARG A 68 15.87 7.59 -8.35
CA ARG A 68 14.62 6.88 -7.95
C ARG A 68 13.83 7.84 -7.05
N LEU A 69 12.58 8.11 -7.43
CA LEU A 69 11.72 8.99 -6.62
C LEU A 69 10.79 8.04 -5.87
N ILE A 70 10.95 7.97 -4.54
CA ILE A 70 10.13 7.07 -3.69
C ILE A 70 8.94 7.87 -3.16
N SER A 71 7.74 7.38 -3.45
CA SER A 71 6.51 8.13 -3.15
C SER A 71 5.64 7.25 -2.28
N HIS A 72 5.17 7.80 -1.14
CA HIS A 72 4.27 7.06 -0.27
C HIS A 72 2.97 7.85 -0.22
N LEU A 73 1.85 7.19 -0.46
CA LEU A 73 0.57 7.93 -0.50
CA LEU A 73 0.55 7.90 -0.50
C LEU A 73 -0.09 8.05 0.88
N ARG A 74 0.46 7.33 1.86
CA ARG A 74 -0.06 7.30 3.22
C ARG A 74 -1.61 7.06 3.20
N MET A 75 -2.39 7.97 3.80
CA MET A 75 -3.80 7.65 4.03
C MET A 75 -4.70 8.08 2.88
N GLU A 76 -4.37 9.19 2.19
CA GLU A 76 -5.31 9.78 1.19
C GLU A 76 -4.66 10.24 -0.10
N GLY A 77 -3.39 9.92 -0.30
CA GLY A 77 -2.76 10.43 -1.50
C GLY A 77 -3.39 9.88 -2.78
N LYS A 78 -3.42 10.73 -3.79
CA LYS A 78 -4.00 10.36 -5.08
C LYS A 78 -3.24 10.98 -6.21
N TYR A 79 -2.99 10.19 -7.27
CA TYR A 79 -2.36 10.74 -8.47
C TYR A 79 -3.42 10.84 -9.58
N ARG A 80 -3.27 11.81 -10.49
CA ARG A 80 -4.15 11.79 -11.69
C ARG A 80 -3.37 12.33 -12.87
N LEU A 81 -3.72 11.87 -14.08
CA LEU A 81 -3.10 12.41 -15.27
C LEU A 81 -4.09 13.41 -15.86
N ALA A 82 -3.65 14.66 -16.01
CA ALA A 82 -4.57 15.72 -16.37
C ALA A 82 -4.05 16.50 -17.57
N THR A 83 -4.93 17.29 -18.23
CA THR A 83 -4.45 18.11 -19.33
C THR A 83 -3.57 19.22 -18.79
N LEU A 84 -2.74 19.81 -19.64
CA LEU A 84 -1.91 20.90 -19.19
C LEU A 84 -2.72 22.13 -18.75
N ASP A 85 -3.92 22.29 -19.29
CA ASP A 85 -4.76 23.42 -18.87
C ASP A 85 -5.70 23.05 -17.72
N ALA A 86 -5.49 21.92 -17.06
CA ALA A 86 -6.45 21.55 -16.02
C ALA A 86 -6.48 22.54 -14.87
N PRO A 87 -7.66 22.83 -14.32
CA PRO A 87 -7.79 23.77 -13.20
C PRO A 87 -7.16 23.14 -11.94
N ARG A 88 -6.67 23.99 -11.07
CA ARG A 88 -6.08 23.53 -9.83
C ARG A 88 -7.26 23.05 -8.93
N GLU A 89 -7.08 21.96 -8.18
CA GLU A 89 -8.00 21.54 -7.15
C GLU A 89 -7.37 21.78 -5.78
N LYS A 90 -8.21 21.92 -4.78
CA LYS A 90 -7.80 22.43 -3.48
C LYS A 90 -6.61 21.70 -2.87
N HIS A 91 -6.58 20.38 -2.97
CA HIS A 91 -5.52 19.64 -2.26
C HIS A 91 -4.45 19.09 -3.19
N ASP A 92 -4.35 19.68 -4.38
CA ASP A 92 -3.25 19.33 -5.28
C ASP A 92 -2.00 19.92 -4.67
N HIS A 93 -0.89 19.17 -4.61
CA HIS A 93 0.36 19.69 -4.07
C HIS A 93 1.57 19.75 -5.00
N LEU A 94 1.70 18.82 -5.93
CA LEU A 94 2.88 18.72 -6.79
C LEU A 94 2.42 18.33 -8.17
N THR A 95 3.14 18.72 -9.21
CA THR A 95 2.86 18.23 -10.55
C THR A 95 4.13 18.06 -11.34
N MET A 96 4.22 16.97 -12.11
CA MET A 96 5.27 16.80 -13.15
C MET A 96 4.55 17.02 -14.46
N LYS A 97 4.95 18.03 -15.20
CA LYS A 97 4.36 18.36 -16.45
C LYS A 97 5.16 17.75 -17.56
N PHE A 98 4.45 17.07 -18.46
CA PHE A 98 4.98 16.53 -19.68
C PHE A 98 4.56 17.39 -20.88
N ALA A 99 4.91 16.96 -22.06
CA ALA A 99 4.51 17.78 -23.22
C ALA A 99 3.01 17.68 -23.47
N ASP A 100 2.38 16.56 -23.13
CA ASP A 100 0.97 16.41 -23.50
C ASP A 100 0.07 16.13 -22.32
N GLY A 101 0.54 16.44 -21.11
CA GLY A 101 -0.35 16.35 -19.94
C GLY A 101 0.55 16.46 -18.73
N GLN A 102 -0.03 16.25 -17.56
CA GLN A 102 0.73 16.42 -16.34
C GLN A 102 0.27 15.40 -15.33
N LEU A 103 1.22 14.95 -14.45
CA LEU A 103 0.88 14.01 -13.40
C LEU A 103 0.80 14.80 -12.11
N ILE A 104 -0.41 14.91 -11.53
CA ILE A 104 -0.62 15.72 -10.33
C ILE A 104 -0.81 14.80 -9.12
N TYR A 105 -0.17 15.17 -8.02
CA TYR A 105 -0.32 14.50 -6.73
C TYR A 105 -1.14 15.36 -5.77
N ALA A 106 -2.21 14.78 -5.23
CA ALA A 106 -3.09 15.45 -4.25
C ALA A 106 -3.15 14.65 -2.98
N ASP A 107 -3.33 15.31 -1.84
CA ASP A 107 -3.37 14.61 -0.59
C ASP A 107 -4.03 15.51 0.44
N VAL A 108 -5.30 15.23 0.75
CA VAL A 108 -6.02 16.09 1.68
C VAL A 108 -5.29 16.23 2.99
N ARG A 109 -4.81 15.14 3.55
CA ARG A 109 -4.22 15.23 4.89
C ARG A 109 -2.72 15.62 4.92
N LYS A 110 -2.14 15.75 3.74
CA LYS A 110 -0.75 16.15 3.59
C LYS A 110 0.20 15.15 4.25
N PHE A 111 -0.16 13.87 4.28
CA PHE A 111 0.74 12.90 4.92
C PHE A 111 1.73 12.25 3.95
N GLY A 112 1.37 12.21 2.68
CA GLY A 112 2.21 11.51 1.73
C GLY A 112 3.54 12.20 1.51
N THR A 113 4.53 11.43 1.06
CA THR A 113 5.93 11.89 1.01
C THR A 113 6.58 11.59 -0.31
N TRP A 114 7.54 12.45 -0.71
CA TRP A 114 8.41 12.11 -1.84
C TRP A 114 9.86 12.21 -1.37
N GLU A 115 10.72 11.25 -1.79
CA GLU A 115 12.13 11.29 -1.46
C GLU A 115 12.92 10.92 -2.69
N LEU A 116 13.89 11.75 -3.06
CA LEU A 116 14.70 11.46 -4.23
C LEU A 116 15.99 10.82 -3.82
N ILE A 117 16.24 9.59 -4.29
CA ILE A 117 17.51 8.91 -3.95
C ILE A 117 18.11 8.28 -5.21
N SER A 118 19.34 7.76 -5.14
CA SER A 118 19.91 7.19 -6.34
C SER A 118 19.64 5.68 -6.39
N THR A 119 19.87 5.10 -7.55
CA THR A 119 19.54 3.71 -7.75
C THR A 119 20.22 2.84 -6.69
N ASP A 120 21.48 3.11 -6.43
CA ASP A 120 22.17 2.18 -5.51
C ASP A 120 21.80 2.37 -4.03
N GLN A 121 20.94 3.34 -3.75
CA GLN A 121 20.46 3.62 -2.38
C GLN A 121 19.11 2.99 -2.11
N VAL A 122 18.46 2.44 -3.14
CA VAL A 122 17.10 1.91 -2.97
C VAL A 122 17.08 0.72 -2.07
N LEU A 123 17.93 -0.29 -2.33
CA LEU A 123 17.88 -1.46 -1.42
C LEU A 123 18.25 -1.09 0.04
N PRO A 124 19.28 -0.27 0.25
CA PRO A 124 19.55 0.14 1.65
C PRO A 124 18.38 0.91 2.32
N TYR A 125 17.69 1.73 1.53
CA TYR A 125 16.57 2.54 1.99
C TYR A 125 15.50 1.61 2.56
N PHE A 126 15.16 0.57 1.82
CA PHE A 126 14.19 -0.38 2.34
C PHE A 126 14.68 -1.31 3.46
N LEU A 127 15.96 -1.63 3.45
CA LEU A 127 16.49 -2.37 4.62
C LEU A 127 16.38 -1.53 5.91
N LYS A 128 16.60 -0.23 5.78
CA LYS A 128 16.58 0.68 6.94
C LYS A 128 15.13 0.79 7.44
N LYS A 129 14.17 0.74 6.53
CA LYS A 129 12.75 0.72 6.92
C LYS A 129 12.29 -0.63 7.50
N LYS A 130 13.12 -1.67 7.41
CA LYS A 130 12.80 -3.02 7.94
C LYS A 130 11.56 -3.64 7.31
N ILE A 131 11.28 -3.26 6.07
CA ILE A 131 10.12 -3.81 5.36
C ILE A 131 10.35 -5.30 5.13
N GLY A 132 9.33 -6.12 5.41
CA GLY A 132 9.42 -7.55 5.24
C GLY A 132 9.15 -7.95 3.80
N PRO A 133 8.95 -9.26 3.57
CA PRO A 133 8.95 -9.75 2.19
C PRO A 133 7.70 -9.37 1.43
N GLU A 134 7.79 -9.30 0.11
CA GLU A 134 6.52 -9.11 -0.68
C GLU A 134 5.63 -10.35 -0.48
N PRO A 135 4.32 -10.16 -0.58
CA PRO A 135 3.35 -11.25 -0.32
C PRO A 135 3.18 -12.12 -1.57
N THR A 136 4.24 -12.87 -1.91
CA THR A 136 4.15 -13.80 -3.01
C THR A 136 4.61 -15.16 -2.52
N TYR A 137 4.20 -16.19 -3.23
CA TYR A 137 4.69 -17.52 -2.85
C TYR A 137 6.22 -17.57 -2.86
N GLU A 138 6.86 -16.93 -3.84
CA GLU A 138 8.30 -17.00 -3.92
C GLU A 138 9.01 -16.28 -2.81
N ASP A 139 8.50 -15.11 -2.35
CA ASP A 139 9.28 -14.33 -1.41
C ASP A 139 8.80 -14.48 0.04
N PHE A 140 7.55 -14.86 0.26
CA PHE A 140 7.00 -14.89 1.63
C PHE A 140 7.14 -16.32 2.17
N ASP A 141 8.27 -16.58 2.81
CA ASP A 141 8.60 -17.89 3.31
C ASP A 141 7.82 -18.19 4.57
N GLU A 142 6.97 -19.22 4.53
CA GLU A 142 6.15 -19.54 5.69
C GLU A 142 7.00 -19.98 6.89
N LYS A 143 8.15 -20.58 6.62
CA LYS A 143 8.94 -21.12 7.73
C LYS A 143 9.44 -20.03 8.63
N LEU A 144 10.06 -18.99 8.07
CA LEU A 144 10.47 -17.83 8.93
C LEU A 144 9.27 -17.12 9.53
N PHE A 145 8.22 -16.95 8.74
CA PHE A 145 7.00 -16.34 9.29
C PHE A 145 6.55 -17.10 10.54
N ARG A 146 6.52 -18.44 10.45
CA ARG A 146 6.08 -19.25 11.59
C ARG A 146 6.99 -19.04 12.81
N GLU A 147 8.29 -19.04 12.56
CA GLU A 147 9.24 -18.86 13.65
CA GLU A 147 9.28 -18.84 13.63
C GLU A 147 9.09 -17.48 14.31
N LYS A 148 8.88 -16.44 13.51
CA LYS A 148 8.66 -15.11 14.12
C LYS A 148 7.41 -15.06 14.96
N LEU A 149 6.34 -15.66 14.46
CA LEU A 149 5.09 -15.67 15.22
C LEU A 149 5.26 -16.46 16.54
N ARG A 150 5.99 -17.56 16.49
CA ARG A 150 6.05 -18.47 17.66
C ARG A 150 6.77 -17.76 18.80
N LYS A 151 7.68 -16.87 18.45
CA LYS A 151 8.50 -16.26 19.46
C LYS A 151 7.95 -14.91 20.01
N SER A 152 6.79 -14.49 19.52
CA SER A 152 6.32 -13.17 19.92
C SER A 152 5.09 -13.26 20.81
N THR A 153 4.88 -12.28 21.69
CA THR A 153 3.62 -12.23 22.37
C THR A 153 2.78 -11.05 21.84
N LYS A 154 3.14 -10.48 20.68
CA LYS A 154 2.31 -9.39 20.14
C LYS A 154 0.98 -9.99 19.68
N LYS A 155 -0.07 -9.14 19.60
CA LYS A 155 -1.30 -9.52 19.00
C LYS A 155 -1.16 -9.57 17.46
N ILE A 156 -1.91 -10.45 16.83
CA ILE A 156 -1.67 -10.73 15.39
C ILE A 156 -1.99 -9.54 14.51
N LYS A 157 -3.08 -8.81 14.77
CA LYS A 157 -3.39 -7.73 13.83
C LYS A 157 -2.30 -6.65 13.90
N PRO A 158 -1.96 -6.15 15.11
CA PRO A 158 -0.95 -5.07 15.07
C PRO A 158 0.41 -5.60 14.55
N TYR A 159 0.74 -6.85 14.82
CA TYR A 159 2.03 -7.34 14.30
C TYR A 159 2.00 -7.37 12.76
N LEU A 160 0.92 -7.86 12.18
CA LEU A 160 0.82 -7.86 10.69
C LEU A 160 0.92 -6.42 10.15
N LEU A 161 0.30 -5.47 10.84
CA LEU A 161 0.33 -4.09 10.33
C LEU A 161 1.73 -3.47 10.36
N GLU A 162 2.66 -4.04 11.14
CA GLU A 162 4.00 -3.46 11.20
C GLU A 162 4.78 -3.46 9.87
N GLN A 163 4.38 -4.31 8.92
CA GLN A 163 4.97 -4.49 7.59
C GLN A 163 6.27 -5.34 7.69
N THR A 164 6.62 -5.82 8.88
CA THR A 164 7.89 -6.58 9.06
C THR A 164 7.79 -8.07 8.84
N LEU A 165 6.62 -8.65 9.13
CA LEU A 165 6.38 -10.09 8.79
C LEU A 165 6.17 -10.33 7.30
N VAL A 166 5.59 -9.33 6.64
CA VAL A 166 5.19 -9.40 5.23
C VAL A 166 4.72 -7.99 4.90
N ALA A 167 5.02 -7.52 3.69
CA ALA A 167 4.76 -6.11 3.39
C ALA A 167 3.40 -5.99 2.71
N GLY A 168 2.66 -4.90 3.00
CA GLY A 168 1.56 -4.55 2.13
C GLY A 168 0.18 -4.48 2.77
N LEU A 169 0.01 -5.09 3.95
CA LEU A 169 -1.34 -5.11 4.54
C LEU A 169 -1.56 -3.81 5.29
N GLY A 170 -2.74 -3.24 5.11
CA GLY A 170 -3.14 -2.13 5.99
C GLY A 170 -4.46 -2.51 6.67
N ASN A 171 -5.22 -1.52 7.16
CA ASN A 171 -6.37 -1.89 7.96
C ASN A 171 -7.39 -2.71 7.23
N ILE A 172 -7.63 -2.39 5.95
CA ILE A 172 -8.70 -3.12 5.24
C ILE A 172 -8.25 -4.56 5.03
N TYR A 173 -7.09 -4.76 4.45
CA TYR A 173 -6.73 -6.15 4.12
C TYR A 173 -6.32 -6.97 5.32
N VAL A 174 -5.82 -6.33 6.39
CA VAL A 174 -5.55 -7.13 7.58
C VAL A 174 -6.87 -7.70 8.15
N ASP A 175 -7.90 -6.86 8.18
CA ASP A 175 -9.19 -7.35 8.72
C ASP A 175 -9.75 -8.41 7.80
N GLU A 176 -9.64 -8.24 6.48
CA GLU A 176 -10.19 -9.23 5.55
C GLU A 176 -9.43 -10.58 5.65
N VAL A 177 -8.11 -10.51 5.79
CA VAL A 177 -7.28 -11.70 5.86
CA VAL A 177 -7.35 -11.75 5.79
C VAL A 177 -7.55 -12.48 7.13
N LEU A 178 -7.69 -11.75 8.23
CA LEU A 178 -7.95 -12.44 9.52
C LEU A 178 -9.34 -13.11 9.52
N TRP A 179 -10.31 -12.50 8.86
CA TRP A 179 -11.62 -13.15 8.76
C TRP A 179 -11.45 -14.38 7.88
N LEU A 180 -10.76 -14.21 6.77
CA LEU A 180 -10.66 -15.38 5.86
C LEU A 180 -9.96 -16.53 6.54
N ALA A 181 -8.90 -16.22 7.29
CA ALA A 181 -8.15 -17.30 8.01
C ALA A 181 -8.72 -17.71 9.38
N LYS A 182 -9.87 -17.14 9.74
CA LYS A 182 -10.60 -17.51 10.97
C LYS A 182 -9.75 -17.32 12.23
N ILE A 183 -9.11 -16.17 12.30
CA ILE A 183 -8.25 -15.79 13.42
C ILE A 183 -8.68 -14.47 14.03
N HIS A 184 -8.76 -14.42 15.36
CA HIS A 184 -9.23 -13.19 16.00
C HIS A 184 -8.08 -12.16 16.06
N PRO A 185 -8.37 -10.89 15.78
CA PRO A 185 -7.25 -9.92 15.66
C PRO A 185 -6.46 -9.75 16.94
N GLU A 186 -7.03 -10.08 18.09
CA GLU A 186 -6.26 -9.93 19.33
C GLU A 186 -5.53 -11.20 19.72
N LYS A 187 -5.57 -12.20 18.86
CA LYS A 187 -4.85 -13.46 19.19
C LYS A 187 -3.31 -13.24 19.35
N GLU A 188 -2.72 -13.70 20.46
CA GLU A 188 -1.26 -13.54 20.64
C GLU A 188 -0.59 -14.52 19.68
N THR A 189 0.43 -14.07 18.92
CA THR A 189 0.85 -14.87 17.82
C THR A 189 1.46 -16.18 18.28
N ASN A 190 2.01 -16.17 19.49
CA ASN A 190 2.64 -17.40 19.98
C ASN A 190 1.60 -18.45 20.34
N GLN A 191 0.31 -18.13 20.22
CA GLN A 191 -0.76 -19.11 20.46
C GLN A 191 -1.27 -19.78 19.16
N LEU A 192 -0.85 -19.26 18.00
CA LEU A 192 -1.31 -19.80 16.72
C LEU A 192 -0.65 -21.15 16.43
N ILE A 193 -1.45 -22.16 16.09
CA ILE A 193 -0.85 -23.46 15.76
C ILE A 193 -0.44 -23.48 14.31
N GLU A 194 0.36 -24.49 13.99
CA GLU A 194 0.93 -24.58 12.64
C GLU A 194 -0.13 -24.48 11.52
N SER A 195 -1.25 -25.19 11.64
CA SER A 195 -2.22 -25.18 10.56
C SER A 195 -2.87 -23.80 10.38
N SER A 196 -3.04 -23.04 11.48
CA SER A 196 -3.62 -21.71 11.39
C SER A 196 -2.58 -20.78 10.70
N ILE A 197 -1.31 -20.96 11.08
CA ILE A 197 -0.26 -20.13 10.46
C ILE A 197 -0.20 -20.42 8.96
N HIS A 198 -0.34 -21.69 8.59
CA HIS A 198 -0.32 -21.98 7.15
C HIS A 198 -1.53 -21.33 6.43
N LEU A 199 -2.70 -21.41 7.04
CA LEU A 199 -3.89 -20.78 6.40
C LEU A 199 -3.72 -19.27 6.31
N LEU A 200 -3.22 -18.69 7.39
CA LEU A 200 -2.95 -17.23 7.40
C LEU A 200 -1.96 -16.86 6.28
N HIS A 201 -0.84 -17.58 6.17
CA HIS A 201 0.17 -17.26 5.17
C HIS A 201 -0.47 -17.30 3.77
N ASP A 202 -1.22 -18.38 3.50
CA ASP A 202 -1.75 -18.51 2.14
C ASP A 202 -2.82 -17.43 1.87
N SER A 203 -3.57 -17.14 2.92
CA SER A 203 -4.68 -16.21 2.78
C SER A 203 -4.12 -14.79 2.51
N ILE A 204 -3.02 -14.46 3.14
CA ILE A 204 -2.41 -13.17 2.84
C ILE A 204 -2.08 -13.04 1.34
N ILE A 205 -1.40 -14.06 0.79
CA ILE A 205 -1.02 -14.04 -0.64
C ILE A 205 -2.27 -14.02 -1.49
N GLU A 206 -3.21 -14.94 -1.22
CA GLU A 206 -4.42 -15.04 -2.04
C GLU A 206 -5.28 -13.78 -2.10
N ILE A 207 -5.56 -13.21 -0.93
CA ILE A 207 -6.40 -12.05 -0.86
C ILE A 207 -5.74 -10.82 -1.54
N LEU A 208 -4.44 -10.63 -1.36
CA LEU A 208 -3.79 -9.47 -1.99
C LEU A 208 -3.69 -9.69 -3.50
N GLN A 209 -3.44 -10.93 -3.94
CA GLN A 209 -3.44 -11.30 -5.38
CA GLN A 209 -3.37 -11.08 -5.37
C GLN A 209 -4.81 -10.98 -5.98
N LYS A 210 -5.86 -11.41 -5.25
CA LYS A 210 -7.24 -11.18 -5.72
C LYS A 210 -7.52 -9.67 -5.85
N ALA A 211 -7.16 -8.92 -4.80
CA ALA A 211 -7.37 -7.48 -4.81
C ALA A 211 -6.63 -6.83 -5.95
N ILE A 212 -5.42 -7.27 -6.24
CA ILE A 212 -4.69 -6.71 -7.37
C ILE A 212 -5.44 -7.01 -8.69
N LYS A 213 -5.88 -8.26 -8.86
CA LYS A 213 -6.57 -8.60 -10.07
C LYS A 213 -7.81 -7.73 -10.26
N LEU A 214 -8.51 -7.41 -9.17
CA LEU A 214 -9.76 -6.62 -9.29
C LEU A 214 -9.51 -5.11 -9.28
N GLY A 215 -8.24 -4.71 -9.30
CA GLY A 215 -7.91 -3.29 -9.47
C GLY A 215 -8.03 -2.51 -8.16
N GLY A 216 -7.91 -3.22 -7.03
CA GLY A 216 -7.95 -2.62 -5.70
C GLY A 216 -9.37 -2.25 -5.24
N SER A 217 -9.47 -1.68 -4.03
CA SER A 217 -10.76 -1.29 -3.45
C SER A 217 -10.90 0.25 -3.57
N SER A 218 -12.06 0.76 -3.98
CA SER A 218 -12.22 2.26 -4.05
C SER A 218 -13.16 2.85 -3.02
N ALA A 224 -9.14 9.99 -10.75
CA ALA A 224 -7.77 9.59 -10.40
C ALA A 224 -7.37 8.15 -10.82
N LEU A 225 -6.06 7.92 -10.92
CA LEU A 225 -5.54 6.58 -11.16
C LEU A 225 -5.99 5.67 -10.01
N GLY A 226 -6.21 4.39 -10.33
CA GLY A 226 -6.76 3.46 -9.36
C GLY A 226 -8.30 3.52 -9.20
N SER A 227 -8.95 4.59 -9.61
CA SER A 227 -10.37 4.72 -9.21
C SER A 227 -11.39 3.67 -9.81
N THR A 228 -10.88 2.72 -10.59
CA THR A 228 -11.70 1.75 -11.33
C THR A 228 -11.89 0.40 -10.58
N GLY A 229 -11.43 0.34 -9.33
CA GLY A 229 -11.32 -0.92 -8.59
C GLY A 229 -12.68 -1.54 -8.34
N LYS A 230 -12.67 -2.85 -8.15
CA LYS A 230 -13.83 -3.67 -7.89
C LYS A 230 -13.70 -4.49 -6.63
N MET A 231 -12.56 -4.40 -5.96
CA MET A 231 -12.37 -5.24 -4.76
C MET A 231 -13.31 -4.84 -3.61
N GLN A 232 -13.77 -3.60 -3.58
CA GLN A 232 -14.63 -3.13 -2.47
C GLN A 232 -15.90 -3.96 -2.44
N ASN A 233 -16.30 -4.46 -3.60
CA ASN A 233 -17.52 -5.25 -3.66
C ASN A 233 -17.32 -6.66 -3.07
N GLU A 234 -16.07 -7.02 -2.80
CA GLU A 234 -15.75 -8.35 -2.27
C GLU A 234 -15.41 -8.38 -0.80
N LEU A 235 -15.40 -7.20 -0.14
CA LEU A 235 -15.00 -7.16 1.26
C LEU A 235 -16.06 -7.88 2.11
N GLN A 236 -15.58 -8.67 3.08
CA GLN A 236 -16.48 -9.50 3.90
C GLN A 236 -16.68 -8.89 5.27
N VAL A 237 -15.72 -8.09 5.73
CA VAL A 237 -15.84 -7.52 7.06
C VAL A 237 -15.57 -6.02 7.18
N TYR A 238 -14.53 -5.55 6.48
CA TYR A 238 -14.13 -4.16 6.70
C TYR A 238 -15.30 -3.19 6.40
N GLY A 239 -15.70 -2.39 7.39
CA GLY A 239 -16.76 -1.40 7.16
C GLY A 239 -18.15 -2.06 7.13
N LYS A 240 -18.24 -3.33 7.51
CA LYS A 240 -19.48 -4.10 7.46
C LYS A 240 -20.12 -4.26 8.81
N THR A 241 -19.79 -3.39 9.76
CA THR A 241 -20.33 -3.49 11.13
C THR A 241 -21.84 -3.66 11.14
N GLY A 242 -22.31 -4.69 11.81
CA GLY A 242 -23.77 -4.89 11.97
C GLY A 242 -24.40 -5.67 10.83
N GLU A 243 -23.65 -5.93 9.75
CA GLU A 243 -24.15 -6.80 8.68
C GLU A 243 -23.83 -8.24 9.05
N LYS A 244 -24.40 -9.20 8.33
CA LYS A 244 -24.24 -10.62 8.72
C LYS A 244 -23.02 -11.20 8.06
N CYS A 245 -22.26 -12.00 8.81
CA CYS A 245 -21.12 -12.75 8.25
C CYS A 245 -21.60 -13.66 7.10
N SER A 246 -20.91 -13.67 5.96
CA SER A 246 -21.37 -14.50 4.84
C SER A 246 -21.22 -16.01 5.13
N ARG A 247 -20.40 -16.37 6.10
CA ARG A 247 -20.20 -17.80 6.40
C ARG A 247 -21.20 -18.27 7.42
N CYS A 248 -21.34 -17.55 8.53
CA CYS A 248 -22.16 -18.11 9.62
C CYS A 248 -23.41 -17.32 9.98
N GLY A 249 -23.57 -16.10 9.47
CA GLY A 249 -24.79 -15.33 9.73
C GLY A 249 -24.72 -14.48 11.00
N ALA A 250 -23.63 -14.59 11.76
CA ALA A 250 -23.49 -13.72 12.93
C ALA A 250 -23.31 -12.26 12.48
N GLU A 251 -23.76 -11.26 13.24
CA GLU A 251 -23.35 -9.85 12.95
C GLU A 251 -21.86 -9.58 13.08
N ILE A 252 -21.33 -8.90 12.08
CA ILE A 252 -19.94 -8.42 12.18
C ILE A 252 -19.85 -7.35 13.24
N GLN A 253 -18.85 -7.42 14.07
CA GLN A 253 -18.68 -6.47 15.17
C GLN A 253 -17.48 -5.57 14.89
N LYS A 254 -17.48 -4.38 15.49
CA LYS A 254 -16.30 -3.51 15.37
C LYS A 254 -15.78 -3.20 16.76
N ILE A 255 -14.50 -3.40 16.98
CA ILE A 255 -13.85 -2.99 18.21
C ILE A 255 -12.59 -2.15 17.91
N LYS A 256 -11.94 -1.65 18.95
CA LYS A 256 -10.68 -0.92 18.73
C LYS A 256 -9.55 -1.85 19.13
N VAL A 257 -8.56 -2.04 18.27
CA VAL A 257 -7.40 -2.88 18.64
C VAL A 257 -6.12 -2.06 18.34
N ALA A 258 -5.36 -1.77 19.40
CA ALA A 258 -4.17 -0.92 19.24
C ALA A 258 -4.47 0.32 18.42
N GLY A 259 -5.55 1.01 18.77
CA GLY A 259 -5.89 2.29 18.18
C GLY A 259 -6.56 2.23 16.82
N ARG A 260 -6.76 1.03 16.27
CA ARG A 260 -7.37 0.95 14.93
C ARG A 260 -8.77 0.31 14.96
N GLY A 261 -9.67 0.81 14.09
CA GLY A 261 -11.00 0.24 13.96
C GLY A 261 -10.82 -1.18 13.44
N THR A 262 -11.57 -2.16 13.99
CA THR A 262 -11.26 -3.56 13.72
C THR A 262 -12.60 -4.30 13.58
N HIS A 263 -12.78 -4.93 12.43
CA HIS A 263 -14.05 -5.56 12.07
C HIS A 263 -13.84 -7.07 12.02
N PHE A 264 -14.71 -7.85 12.66
CA PHE A 264 -14.47 -9.31 12.65
C PHE A 264 -15.80 -10.01 12.92
N CYS A 265 -15.84 -11.32 12.64
CA CYS A 265 -16.99 -12.11 12.99
C CYS A 265 -16.66 -12.87 14.31
N PRO A 266 -17.43 -12.65 15.40
CA PRO A 266 -17.14 -13.28 16.66
C PRO A 266 -17.35 -14.79 16.66
N VAL A 267 -18.05 -15.36 15.69
CA VAL A 267 -18.22 -16.86 15.65
C VAL A 267 -17.01 -17.46 14.93
N CYS A 268 -16.73 -16.92 13.76
CA CYS A 268 -15.69 -17.46 12.88
C CYS A 268 -14.29 -17.14 13.41
N GLN A 269 -14.15 -16.07 14.18
CA GLN A 269 -12.84 -15.64 14.69
C GLN A 269 -12.90 -15.70 16.21
N GLN A 270 -12.73 -16.91 16.73
CA GLN A 270 -12.87 -17.15 18.16
C GLN A 270 -11.72 -16.52 18.94
N LYS A 271 -12.08 -15.80 20.00
CA LYS A 271 -11.11 -15.07 20.81
C LYS A 271 -10.13 -16.00 21.53
OP1 VET B 7 -9.70 2.10 8.68
P VET B 7 -8.59 3.16 8.62
OP2 VET B 7 -7.86 3.37 9.90
O5' VET B 7 -7.51 2.83 7.51
C5' VET B 7 -7.93 2.62 6.20
C4' VET B 7 -6.77 1.98 5.39
C3' VET B 7 -5.48 2.83 5.33
O3' VET B 7 -4.45 1.94 4.85
C2' VET B 7 -5.84 3.85 4.24
C6' VET B 7 -7.25 1.87 3.88
C1' VET B 7 -6.29 2.88 3.17
N1 VET B 7 -6.97 3.55 2.09
C2 VET B 7 -8.08 4.46 2.20
O2 VET B 7 -8.71 4.67 3.25
N3 VET B 7 -8.63 4.60 0.81
C4 VET B 7 -7.40 4.37 0.01
O4 VET B 7 -7.22 4.48 -1.19
C5 VET B 7 -6.53 3.31 0.67
C6 VET B 7 -7.12 1.93 0.29
ZN ZN D . -18.95 -15.86 10.79
C1 GOL E . 9.18 8.10 4.19
O1 GOL E . 10.49 8.39 4.70
C2 GOL E . 8.14 7.37 5.10
O2 GOL E . 8.33 5.98 5.24
C3 GOL E . 6.92 7.11 4.20
O3 GOL E . 6.13 8.24 4.14
#